data_3V9E
#
_entry.id   3V9E
#
_cell.length_a   69.710
_cell.length_b   113.560
_cell.length_c   79.980
_cell.angle_alpha   90.00
_cell.angle_beta   108.74
_cell.angle_gamma   90.00
#
_symmetry.space_group_name_H-M   'C 1 2 1'
#
loop_
_entity.id
_entity.type
_entity.pdbx_description
1 polymer Laccase
2 branched beta-D-mannopyranose-(1-4)-2-acetamido-2-deoxy-beta-D-glucopyranose-(1-4)-2-acetamido-2-deoxy-beta-D-glucopyranose
3 non-polymer 'COPPER (II) ION'
4 non-polymer GLYCEROL
5 non-polymer 2-acetamido-2-deoxy-beta-D-glucopyranose
6 non-polymer alpha-D-mannopyranose
7 water water
#
_entity_poly.entity_id   1
_entity_poly.type   'polypeptide(L)'
_entity_poly.pdbx_seq_one_letter_code
;MKYFTVFTALTALFAQASASAIPAVRSTLTPRQNTTASCANSATSRSCWGEYSIDTNWYDVTPTGVTREYWLSVENSTIT
PDGYTRSAMTFNGTVPGPAIIADWGDNLIIHVTNNLEHNGTSIHWHGIRQLGSLEYDGVPGVTQCPIAPGDTLTYKFQVT
QYGTTWYHSHFSLQYGDGLFGPLIINGPATADYDEDVGVIFLQDWAHESVFEIWDTARLGAPPALENTLMNGTNTFDCSA
STDPNCVGGGKKFELTFVEGTKYRLRLINVGIDSHFEFAIDNHTLTVIANDLVPIVPYTTDTLLIGIGQRYDVIVEANAA
ADNYWIRGNWGTTCSTNNEAANATGILRYDSSSIANPTSVGTTPRGTCEDEPVASLVPHLALDVGGYSLVDEQVSSAFTN
YFTWTINSSSLLLDWSSPTTLKIFNNETIFPTEYNVVALEQTNANEEWVVYVIEDLTGFGIWHPIHLHGHDFFIVAQETD
VFNSDESPAKFNLVNPPRRDVAALPGNGYLAIAFKLDNPGSWLLHCHIAWHASEGMAMQFVESQSSIAVKMTDTAIFEDT
CANWNAYTPTQLFAEDDSGI
;
_entity_poly.pdbx_strand_id   A
#
# COMPACT_ATOMS: atom_id res chain seq x y z
N SER A 38 -10.15 31.31 7.59
CA SER A 38 -10.25 30.31 8.70
C SER A 38 -11.67 29.88 8.81
N CYS A 39 -11.92 28.61 8.46
CA CYS A 39 -13.28 28.05 8.51
C CYS A 39 -13.18 26.64 8.97
N ALA A 40 -14.30 26.16 9.51
CA ALA A 40 -14.40 24.87 10.12
C ALA A 40 -14.73 23.84 9.08
N ASN A 41 -14.10 22.70 9.20
CA ASN A 41 -14.44 21.56 8.36
C ASN A 41 -15.86 21.15 8.73
N SER A 42 -16.71 20.89 7.74
CA SER A 42 -18.01 20.35 7.99
C SER A 42 -18.55 19.73 6.71
N ALA A 43 -19.76 19.15 6.80
CA ALA A 43 -20.38 18.47 5.66
C ALA A 43 -20.53 19.33 4.43
N THR A 44 -20.68 20.66 4.62
CA THR A 44 -20.80 21.60 3.53
C THR A 44 -19.59 22.50 3.40
N SER A 45 -18.45 22.11 3.99
CA SER A 45 -17.21 22.88 3.85
C SER A 45 -16.00 21.95 4.09
N ARG A 46 -15.97 20.85 3.34
CA ARG A 46 -14.92 19.85 3.55
C ARG A 46 -13.54 20.38 3.17
N SER A 47 -13.52 21.41 2.34
CA SER A 47 -12.21 22.10 1.98
C SER A 47 -11.54 22.78 3.15
N CYS A 48 -12.29 23.08 4.20
CA CYS A 48 -11.79 23.83 5.34
C CYS A 48 -11.09 22.89 6.33
N TRP A 49 -10.05 23.44 6.95
CA TRP A 49 -9.41 22.79 8.07
C TRP A 49 -8.90 23.91 9.01
N GLY A 50 -9.79 24.82 9.43
CA GLY A 50 -9.42 25.85 10.38
C GLY A 50 -8.61 26.87 9.65
N GLU A 51 -7.41 27.17 10.16
CA GLU A 51 -6.51 28.11 9.46
C GLU A 51 -5.89 27.48 8.22
N TYR A 52 -6.09 26.18 8.05
CA TYR A 52 -5.50 25.45 6.93
C TYR A 52 -6.64 24.99 6.08
N SER A 53 -6.32 24.45 4.93
CA SER A 53 -7.32 24.01 4.03
C SER A 53 -6.77 23.08 3.00
N ILE A 54 -7.63 22.72 2.07
CA ILE A 54 -7.21 21.95 0.94
C ILE A 54 -6.15 22.61 0.07
N ASP A 55 -5.90 23.91 0.31
CA ASP A 55 -4.93 24.65 -0.48
C ASP A 55 -3.57 24.78 0.24
N THR A 56 -3.52 24.29 1.45
CA THR A 56 -2.32 24.32 2.22
C THR A 56 -1.34 23.37 1.59
N ASN A 57 -0.10 23.81 1.41
CA ASN A 57 0.93 22.89 0.97
C ASN A 57 1.40 22.06 2.13
N TRP A 58 0.84 20.83 2.27
CA TRP A 58 1.23 19.94 3.34
C TRP A 58 2.62 19.33 3.29
N TYR A 59 3.35 19.47 2.16
CA TYR A 59 4.77 19.13 2.09
C TYR A 59 5.61 20.13 2.90
N ASP A 60 5.10 21.33 3.04
CA ASP A 60 5.88 22.43 3.63
C ASP A 60 5.27 22.91 4.93
N VAL A 61 3.99 22.67 5.15
CA VAL A 61 3.27 23.23 6.32
C VAL A 61 2.50 22.12 7.04
N THR A 62 2.52 22.11 8.38
CA THR A 62 1.85 21.04 9.12
C THR A 62 1.13 21.67 10.29
N PRO A 63 -0.17 21.45 10.42
CA PRO A 63 -0.89 21.84 11.69
C PRO A 63 -0.26 21.24 12.95
N THR A 64 -0.47 21.88 14.09
CA THR A 64 -0.11 21.27 15.33
C THR A 64 -1.31 20.47 15.76
N GLY A 65 -1.06 19.30 16.24
CA GLY A 65 -2.14 18.46 16.72
C GLY A 65 -1.74 18.00 18.09
N VAL A 66 -2.00 16.74 18.37
CA VAL A 66 -1.80 16.22 19.70
C VAL A 66 -1.13 14.90 19.53
N THR A 67 -0.62 14.38 20.63
CA THR A 67 -0.01 13.09 20.61
C THR A 67 -1.03 12.01 20.80
N ARG A 68 -0.96 10.95 20.00
CA ARG A 68 -1.86 9.85 20.11
C ARG A 68 -1.03 8.60 20.28
N GLU A 69 -1.39 7.79 21.26
CA GLU A 69 -0.65 6.63 21.58
C GLU A 69 -1.47 5.36 21.31
N TYR A 70 -0.83 4.35 20.73
CA TYR A 70 -1.44 3.10 20.42
C TYR A 70 -0.55 1.95 20.87
N TRP A 71 -1.14 0.78 21.19
CA TRP A 71 -0.38 -0.38 21.53
C TRP A 71 -0.91 -1.44 20.58
N LEU A 72 -0.03 -2.04 19.79
CA LEU A 72 -0.39 -3.08 18.87
C LEU A 72 0.41 -4.31 19.21
N SER A 73 -0.29 -5.42 19.09
CA SER A 73 0.31 -6.72 19.24
C SER A 73 0.19 -7.52 17.97
N VAL A 74 1.36 -7.96 17.49
CA VAL A 74 1.39 -8.77 16.30
C VAL A 74 1.25 -10.18 16.79
N GLU A 75 0.21 -10.80 16.31
CA GLU A 75 -0.26 -12.08 16.82
C GLU A 75 -0.43 -13.15 15.81
N ASN A 76 -0.30 -14.36 16.32
CA ASN A 76 -0.56 -15.52 15.61
C ASN A 76 -1.94 -16.04 15.90
N SER A 77 -2.83 -15.97 14.92
CA SER A 77 -4.23 -16.03 15.18
C SER A 77 -4.97 -17.13 14.42
N THR A 78 -6.21 -17.32 14.77
CA THR A 78 -7.10 -18.15 14.03
C THR A 78 -8.30 -17.33 13.72
N ILE A 79 -8.65 -17.27 12.46
CA ILE A 79 -9.86 -16.53 12.08
C ILE A 79 -10.68 -17.27 11.04
N THR A 80 -11.94 -16.87 10.92
CA THR A 80 -12.87 -17.38 9.96
C THR A 80 -13.59 -16.26 9.21
N PRO A 81 -12.92 -15.69 8.19
CA PRO A 81 -13.50 -14.47 7.54
C PRO A 81 -14.54 -14.70 6.53
N ASP A 82 -14.51 -15.90 5.90
CA ASP A 82 -15.34 -16.28 4.81
C ASP A 82 -15.92 -17.68 4.95
N GLY A 83 -16.09 -18.13 6.19
CA GLY A 83 -16.54 -19.49 6.49
C GLY A 83 -15.46 -20.53 6.36
N TYR A 84 -14.24 -20.12 6.06
CA TYR A 84 -13.09 -20.99 6.17
C TYR A 84 -12.15 -20.64 7.28
N THR A 85 -11.94 -21.54 8.24
CA THR A 85 -11.07 -21.27 9.36
C THR A 85 -9.62 -21.56 9.03
N ARG A 86 -8.80 -20.57 9.25
CA ARG A 86 -7.37 -20.68 9.04
C ARG A 86 -6.52 -19.81 9.95
N SER A 87 -5.21 -20.05 9.89
CA SER A 87 -4.29 -19.24 10.62
C SER A 87 -4.29 -17.84 10.00
N ALA A 88 -3.79 -16.95 10.82
CA ALA A 88 -3.44 -15.60 10.40
C ALA A 88 -2.41 -14.92 11.27
N MET A 89 -1.77 -13.89 10.71
CA MET A 89 -0.88 -13.02 11.43
C MET A 89 -1.51 -11.66 11.44
N THR A 90 -1.83 -11.17 12.65
CA THR A 90 -2.78 -10.08 12.77
C THR A 90 -2.22 -9.07 13.73
N PHE A 91 -2.71 -7.84 13.62
CA PHE A 91 -2.64 -6.92 14.68
C PHE A 91 -3.85 -7.18 15.54
N ASN A 92 -3.60 -7.65 16.76
CA ASN A 92 -4.65 -7.65 17.76
C ASN A 92 -5.84 -8.54 17.45
N GLY A 93 -5.57 -9.59 16.67
CA GLY A 93 -6.50 -10.67 16.52
C GLY A 93 -7.62 -10.45 15.56
N THR A 94 -7.51 -9.39 14.76
CA THR A 94 -8.56 -9.15 13.75
C THR A 94 -7.92 -8.88 12.36
N VAL A 95 -8.69 -9.21 11.35
CA VAL A 95 -8.33 -8.85 9.99
C VAL A 95 -9.48 -8.12 9.41
N PRO A 96 -9.28 -6.84 9.07
CA PRO A 96 -8.10 -5.99 9.21
C PRO A 96 -7.81 -5.72 10.68
N GLY A 97 -6.60 -5.25 10.96
CA GLY A 97 -6.21 -4.79 12.23
C GLY A 97 -6.94 -3.57 12.71
N PRO A 98 -6.69 -3.20 13.97
CA PRO A 98 -7.38 -1.99 14.46
C PRO A 98 -7.09 -0.77 13.64
N ALA A 99 -8.09 0.10 13.54
CA ALA A 99 -7.94 1.42 12.91
C ALA A 99 -7.06 2.33 13.77
N ILE A 100 -6.11 2.96 13.10
CA ILE A 100 -5.35 3.97 13.66
C ILE A 100 -5.89 5.24 13.03
N ILE A 101 -6.45 6.08 13.87
CA ILE A 101 -7.11 7.28 13.36
C ILE A 101 -6.50 8.48 14.05
N ALA A 102 -6.17 9.48 13.27
CA ALA A 102 -5.55 10.67 13.79
C ALA A 102 -5.93 11.83 12.93
N ASP A 103 -5.52 13.02 13.32
CA ASP A 103 -5.69 14.21 12.55
C ASP A 103 -4.35 14.67 12.03
N TRP A 104 -4.46 15.30 10.90
CA TRP A 104 -3.37 15.96 10.21
C TRP A 104 -2.58 16.75 11.24
N GLY A 105 -1.29 16.43 11.36
CA GLY A 105 -0.43 17.12 12.26
C GLY A 105 -0.15 16.40 13.59
N ASP A 106 -0.95 15.38 13.95
CA ASP A 106 -0.80 14.70 15.21
C ASP A 106 0.53 13.97 15.22
N ASN A 107 1.04 13.72 16.42
CA ASN A 107 2.23 12.86 16.63
C ASN A 107 1.75 11.53 17.09
N LEU A 108 2.18 10.48 16.41
CA LEU A 108 1.75 9.15 16.73
C LEU A 108 2.85 8.39 17.44
N ILE A 109 2.47 7.67 18.51
CA ILE A 109 3.37 6.78 19.23
C ILE A 109 2.73 5.42 19.17
N ILE A 110 3.32 4.50 18.46
CA ILE A 110 2.66 3.21 18.25
C ILE A 110 3.61 2.12 18.72
N HIS A 111 3.34 1.57 19.90
CA HIS A 111 4.10 0.46 20.48
C HIS A 111 3.72 -0.81 19.82
N VAL A 112 4.67 -1.45 19.15
CA VAL A 112 4.42 -2.65 18.45
C VAL A 112 5.21 -3.75 19.12
N THR A 113 4.50 -4.71 19.67
CA THR A 113 5.12 -5.91 20.28
C THR A 113 4.90 -7.08 19.38
N ASN A 114 5.96 -7.85 19.15
CA ASN A 114 5.91 -8.92 18.29
C ASN A 114 5.62 -10.13 19.13
N ASN A 115 4.41 -10.59 19.06
CA ASN A 115 4.04 -11.82 19.77
C ASN A 115 3.92 -13.04 18.89
N LEU A 116 4.54 -12.99 17.71
CA LEU A 116 4.74 -14.18 16.96
C LEU A 116 5.88 -14.95 17.61
N GLU A 117 5.86 -16.28 17.47
CA GLU A 117 7.01 -17.05 18.01
C GLU A 117 8.14 -17.24 17.01
N HIS A 118 7.80 -17.32 15.73
CA HIS A 118 8.71 -17.86 14.73
C HIS A 118 9.05 -16.92 13.56
N ASN A 119 8.71 -15.62 13.69
CA ASN A 119 9.09 -14.62 12.66
C ASN A 119 9.41 -13.36 13.40
N GLY A 120 10.38 -12.62 12.89
CA GLY A 120 10.51 -11.22 13.13
C GLY A 120 9.26 -10.55 12.54
N THR A 121 9.20 -9.26 12.73
CA THR A 121 8.23 -8.44 12.03
C THR A 121 8.75 -6.99 12.03
N SER A 122 8.09 -6.13 11.26
CA SER A 122 8.57 -4.79 11.10
C SER A 122 7.35 -4.11 10.39
N ILE A 123 6.87 -3.01 10.91
CA ILE A 123 5.62 -2.47 10.42
C ILE A 123 5.83 -1.14 9.71
N HIS A 124 5.28 -1.05 8.49
CA HIS A 124 5.38 0.12 7.70
C HIS A 124 4.03 0.88 7.64
N TRP A 125 4.15 2.20 7.59
CA TRP A 125 3.00 3.16 7.62
C TRP A 125 2.96 3.65 6.18
N HIS A 126 2.04 3.06 5.40
CA HIS A 126 2.13 3.12 3.98
C HIS A 126 1.93 4.55 3.53
N GLY A 127 2.88 5.04 2.74
CA GLY A 127 2.78 6.37 2.13
C GLY A 127 3.18 7.45 3.04
N ILE A 128 3.46 7.10 4.30
CA ILE A 128 3.81 8.11 5.26
C ILE A 128 5.23 8.61 4.98
N ARG A 129 5.42 9.92 4.94
CA ARG A 129 6.61 10.51 4.40
C ARG A 129 7.81 10.20 5.26
N GLN A 130 7.59 10.22 6.58
CA GLN A 130 8.61 9.99 7.59
C GLN A 130 9.75 10.98 7.43
N LEU A 131 9.39 12.20 7.19
CA LEU A 131 10.38 13.29 7.12
C LEU A 131 11.07 13.43 8.48
N GLY A 132 12.38 13.13 8.56
CA GLY A 132 13.01 13.19 9.87
C GLY A 132 12.75 12.05 10.85
N SER A 133 12.07 11.02 10.37
CA SER A 133 11.84 9.78 11.09
C SER A 133 12.05 8.54 10.27
N LEU A 134 13.14 8.53 9.49
CA LEU A 134 13.49 7.44 8.64
C LEU A 134 13.44 6.11 9.36
N GLU A 135 13.90 6.10 10.61
CA GLU A 135 14.06 4.89 11.36
C GLU A 135 12.76 4.26 11.82
N TYR A 136 11.64 4.90 11.49
CA TYR A 136 10.34 4.37 11.81
C TYR A 136 9.53 4.10 10.58
N ASP A 137 10.16 4.07 9.42
CA ASP A 137 9.46 3.66 8.21
C ASP A 137 9.04 2.19 8.15
N GLY A 138 9.74 1.36 8.92
CA GLY A 138 9.34 -0.02 9.13
C GLY A 138 9.77 -1.01 8.09
N VAL A 139 10.88 -0.75 7.38
CA VAL A 139 11.30 -1.68 6.34
C VAL A 139 12.49 -2.46 6.92
N PRO A 140 12.30 -3.72 7.15
CA PRO A 140 13.40 -4.51 7.74
C PRO A 140 14.44 -4.74 6.71
N GLY A 141 15.72 -4.60 7.11
CA GLY A 141 16.80 -4.61 6.14
C GLY A 141 17.15 -3.26 5.55
N VAL A 142 16.25 -2.27 5.66
CA VAL A 142 16.51 -0.90 5.22
C VAL A 142 16.53 0.09 6.34
N THR A 143 15.40 0.25 7.06
CA THR A 143 15.32 1.26 8.10
C THR A 143 15.38 0.73 9.50
N GLN A 144 15.41 -0.61 9.65
CA GLN A 144 15.53 -1.25 10.94
C GLN A 144 15.93 -2.69 10.80
N CYS A 145 16.45 -3.26 11.88
CA CYS A 145 16.40 -4.69 12.03
C CYS A 145 14.97 -5.11 12.36
N PRO A 146 14.59 -6.34 12.04
CA PRO A 146 13.33 -6.82 12.49
C PRO A 146 13.14 -6.75 14.00
N ILE A 147 11.87 -6.61 14.40
CA ILE A 147 11.46 -6.85 15.79
C ILE A 147 11.44 -8.35 16.09
N ALA A 148 12.32 -8.74 16.99
CA ALA A 148 12.38 -10.12 17.33
C ALA A 148 11.12 -10.54 18.12
N PRO A 149 10.76 -11.83 18.03
CA PRO A 149 9.72 -12.32 18.90
C PRO A 149 9.92 -11.91 20.35
N GLY A 150 8.82 -11.44 20.90
CA GLY A 150 8.79 -10.91 22.26
C GLY A 150 9.27 -9.49 22.46
N ASP A 151 9.94 -8.88 21.46
CA ASP A 151 10.40 -7.58 21.57
C ASP A 151 9.30 -6.56 21.15
N THR A 152 9.55 -5.34 21.56
CA THR A 152 8.70 -4.19 21.25
C THR A 152 9.49 -3.12 20.62
N LEU A 153 8.90 -2.45 19.60
CA LEU A 153 9.49 -1.25 19.04
C LEU A 153 8.40 -0.23 18.97
N THR A 154 8.66 0.98 19.45
CA THR A 154 7.70 2.06 19.47
C THR A 154 7.99 2.97 18.30
N TYR A 155 7.11 2.91 17.32
CA TYR A 155 7.19 3.81 16.20
C TYR A 155 6.69 5.18 16.57
N LYS A 156 7.48 6.20 16.22
CA LYS A 156 7.13 7.56 16.44
C LYS A 156 7.25 8.40 15.20
N PHE A 157 6.16 9.10 14.82
CA PHE A 157 6.23 9.95 13.70
C PHE A 157 5.03 10.88 13.72
N GLN A 158 5.21 11.99 13.05
CA GLN A 158 4.17 12.95 12.89
C GLN A 158 3.49 12.63 11.57
N VAL A 159 2.16 12.89 11.51
CA VAL A 159 1.50 12.73 10.23
C VAL A 159 1.39 14.11 9.61
N THR A 160 2.13 14.29 8.52
CA THR A 160 2.25 15.63 7.88
C THR A 160 1.41 15.60 6.53
N GLN A 161 0.54 14.59 6.46
CA GLN A 161 -0.31 14.24 5.32
C GLN A 161 -1.70 13.92 5.89
N TYR A 162 -2.71 13.96 5.03
CA TYR A 162 -4.04 13.59 5.45
C TYR A 162 -4.67 12.76 4.36
N GLY A 163 -5.54 11.85 4.76
CA GLY A 163 -6.28 11.06 3.81
C GLY A 163 -6.33 9.65 4.25
N THR A 164 -6.40 8.75 3.27
CA THR A 164 -6.55 7.30 3.46
C THR A 164 -5.29 6.53 3.18
N THR A 165 -4.89 5.82 4.18
CA THR A 165 -3.79 4.83 3.99
C THR A 165 -3.98 3.63 4.90
N TRP A 166 -2.93 2.83 5.02
CA TRP A 166 -2.97 1.62 5.75
C TRP A 166 -1.58 1.37 6.33
N TYR A 167 -1.50 0.50 7.32
CA TYR A 167 -0.25 0.09 7.88
C TYR A 167 -0.16 -1.40 7.75
N HIS A 168 1.05 -1.89 7.60
CA HIS A 168 1.18 -3.30 7.37
C HIS A 168 2.56 -3.76 7.60
N SER A 169 2.65 -5.02 7.83
CA SER A 169 3.97 -5.59 7.93
C SER A 169 4.71 -5.46 6.62
N HIS A 170 6.01 -5.12 6.71
CA HIS A 170 6.84 -5.10 5.51
C HIS A 170 7.93 -6.15 5.66
N PHE A 171 7.67 -7.15 6.51
CA PHE A 171 8.57 -8.25 6.76
C PHE A 171 8.09 -9.43 5.95
N SER A 172 8.79 -9.70 4.85
CA SER A 172 8.40 -10.83 4.03
C SER A 172 6.93 -10.79 3.66
N LEU A 173 6.26 -11.93 3.62
CA LEU A 173 4.89 -12.04 3.07
C LEU A 173 3.79 -11.84 4.13
N GLN A 174 4.18 -11.34 5.29
CA GLN A 174 3.24 -11.36 6.42
C GLN A 174 1.93 -10.63 6.17
N TYR A 175 1.93 -9.55 5.39
CA TYR A 175 0.67 -8.86 5.23
C TYR A 175 -0.31 -9.68 4.48
N GLY A 176 0.19 -10.67 3.71
CA GLY A 176 -0.69 -11.60 3.02
C GLY A 176 -1.47 -12.54 3.92
N ASP A 177 -0.99 -12.69 5.16
CA ASP A 177 -1.71 -13.48 6.16
C ASP A 177 -2.54 -12.59 7.09
N GLY A 178 -2.77 -11.34 6.72
CA GLY A 178 -3.76 -10.50 7.40
C GLY A 178 -3.10 -9.36 8.21
N LEU A 179 -1.79 -9.17 8.10
CA LEU A 179 -1.05 -8.22 8.94
C LEU A 179 -0.99 -6.82 8.40
N PHE A 180 -2.19 -6.24 8.43
CA PHE A 180 -2.47 -4.88 7.91
C PHE A 180 -3.66 -4.29 8.64
N GLY A 181 -3.76 -2.98 8.60
CA GLY A 181 -4.91 -2.30 9.17
C GLY A 181 -4.99 -0.93 8.55
N PRO A 182 -6.12 -0.26 8.76
CA PRO A 182 -6.32 1.06 8.20
C PRO A 182 -5.66 2.17 9.05
N LEU A 183 -5.10 3.16 8.37
CA LEU A 183 -4.50 4.34 8.97
C LEU A 183 -5.18 5.50 8.29
N ILE A 184 -6.07 6.14 9.02
CA ILE A 184 -6.88 7.25 8.46
C ILE A 184 -6.48 8.52 9.17
N ILE A 185 -6.13 9.51 8.39
CA ILE A 185 -5.68 10.77 8.95
C ILE A 185 -6.68 11.83 8.46
N ASN A 186 -7.42 12.39 9.40
CA ASN A 186 -8.44 13.32 9.02
C ASN A 186 -7.84 14.63 8.66
N GLY A 187 -8.57 15.32 7.79
CA GLY A 187 -8.09 16.52 7.19
C GLY A 187 -9.16 17.00 6.21
N PRO A 188 -8.81 17.97 5.38
CA PRO A 188 -9.79 18.51 4.44
C PRO A 188 -9.92 17.61 3.22
N ALA A 189 -10.85 17.96 2.36
CA ALA A 189 -11.21 17.17 1.18
C ALA A 189 -11.67 18.11 0.07
N THR A 190 -11.59 17.63 -1.13
CA THR A 190 -11.89 18.39 -2.32
C THR A 190 -13.34 18.30 -2.79
N ALA A 191 -14.19 17.60 -2.06
CA ALA A 191 -15.64 17.61 -2.32
C ALA A 191 -16.32 17.42 -1.01
N ASP A 192 -17.54 17.97 -0.90
CA ASP A 192 -18.35 17.81 0.28
C ASP A 192 -19.00 16.44 0.38
N TYR A 193 -19.18 15.97 1.62
CA TYR A 193 -19.83 14.73 1.93
C TYR A 193 -20.34 14.77 3.36
N ASP A 194 -21.37 13.99 3.64
CA ASP A 194 -21.96 13.99 4.91
C ASP A 194 -21.36 13.06 5.89
N GLU A 195 -21.07 11.86 5.41
CA GLU A 195 -20.66 10.76 6.31
C GLU A 195 -19.43 10.00 5.77
N ASP A 196 -18.48 9.77 6.65
CA ASP A 196 -17.31 8.94 6.29
C ASP A 196 -17.50 7.50 6.74
N VAL A 197 -17.61 6.57 5.81
CA VAL A 197 -17.87 5.19 6.19
C VAL A 197 -16.60 4.44 6.48
N GLY A 198 -15.49 5.06 6.21
CA GLY A 198 -14.27 4.37 6.47
C GLY A 198 -13.79 3.61 5.28
N VAL A 199 -12.85 2.74 5.61
CA VAL A 199 -12.13 1.99 4.60
C VAL A 199 -12.94 0.77 4.14
N ILE A 200 -12.81 0.45 2.86
CA ILE A 200 -13.26 -0.83 2.34
C ILE A 200 -11.98 -1.45 1.77
N PHE A 201 -11.47 -2.47 2.42
CA PHE A 201 -10.34 -3.19 1.88
C PHE A 201 -10.78 -4.15 0.78
N LEU A 202 -9.94 -4.25 -0.23
CA LEU A 202 -10.19 -5.21 -1.31
C LEU A 202 -8.92 -6.09 -1.39
N GLN A 203 -9.08 -7.40 -1.33
CA GLN A 203 -7.92 -8.31 -1.40
C GLN A 203 -8.30 -9.68 -1.91
N ASP A 204 -7.30 -10.37 -2.38
CA ASP A 204 -7.36 -11.83 -2.45
C ASP A 204 -7.28 -12.45 -1.05
N TRP A 205 -7.50 -13.76 -0.95
CA TRP A 205 -7.44 -14.40 0.32
C TRP A 205 -7.29 -15.91 0.13
N ALA A 206 -6.18 -16.39 0.61
CA ALA A 206 -5.80 -17.81 0.59
C ALA A 206 -6.59 -18.53 1.72
N HIS A 207 -6.74 -19.85 1.56
CA HIS A 207 -7.22 -20.71 2.65
C HIS A 207 -6.10 -21.45 3.36
N GLU A 208 -4.93 -20.84 3.38
CA GLU A 208 -3.80 -21.35 4.09
C GLU A 208 -2.79 -20.22 4.17
N SER A 209 -1.77 -20.35 5.01
CA SER A 209 -0.77 -19.27 5.16
C SER A 209 -0.03 -19.12 3.84
N VAL A 210 0.28 -17.89 3.53
CA VAL A 210 1.07 -17.56 2.37
C VAL A 210 2.46 -18.22 2.48
N PHE A 211 2.93 -18.45 3.70
CA PHE A 211 4.23 -19.04 3.93
C PHE A 211 4.22 -20.53 3.57
N GLU A 212 3.04 -21.13 3.46
CA GLU A 212 2.92 -22.53 3.06
C GLU A 212 3.01 -22.68 1.58
N ILE A 213 2.69 -21.61 0.86
CA ILE A 213 2.65 -21.70 -0.59
C ILE A 213 3.84 -20.98 -1.24
N TRP A 214 4.67 -20.34 -0.44
CA TRP A 214 5.78 -19.57 -0.99
C TRP A 214 6.77 -20.45 -1.79
N ASP A 215 7.05 -21.65 -1.29
CA ASP A 215 8.06 -22.50 -1.97
C ASP A 215 7.61 -22.87 -3.37
N THR A 216 6.31 -23.03 -3.58
CA THR A 216 5.74 -23.30 -4.89
C THR A 216 5.64 -22.02 -5.73
N ALA A 217 5.18 -20.96 -5.09
CA ALA A 217 5.05 -19.69 -5.77
C ALA A 217 6.43 -19.22 -6.29
N ARG A 218 7.51 -19.40 -5.55
CA ARG A 218 8.78 -18.87 -5.99
C ARG A 218 9.44 -19.64 -7.16
N LEU A 219 8.88 -20.78 -7.55
CA LEU A 219 9.22 -21.37 -8.84
C LEU A 219 8.81 -20.45 -10.02
N GLY A 220 7.90 -19.51 -9.78
CA GLY A 220 7.63 -18.47 -10.79
C GLY A 220 6.21 -18.07 -11.10
N ALA A 221 5.29 -18.98 -10.80
CA ALA A 221 3.88 -18.76 -11.07
C ALA A 221 3.18 -18.59 -9.73
N PRO A 222 2.65 -17.41 -9.47
CA PRO A 222 1.84 -17.29 -8.30
C PRO A 222 0.66 -18.22 -8.36
N PRO A 223 0.23 -18.73 -7.21
CA PRO A 223 -0.99 -19.53 -7.16
C PRO A 223 -2.29 -18.71 -7.33
N ALA A 224 -3.33 -19.36 -7.85
CA ALA A 224 -4.67 -18.82 -7.78
C ALA A 224 -5.06 -19.04 -6.36
N LEU A 225 -5.53 -18.00 -5.66
CA LEU A 225 -5.88 -18.21 -4.24
C LEU A 225 -7.34 -18.56 -4.16
N GLU A 226 -7.77 -19.01 -2.98
CA GLU A 226 -9.08 -19.70 -2.89
C GLU A 226 -10.23 -18.76 -2.85
N ASN A 227 -9.98 -17.53 -2.41
CA ASN A 227 -11.09 -16.64 -2.39
C ASN A 227 -10.64 -15.18 -2.49
N THR A 228 -11.57 -14.26 -2.25
CA THR A 228 -11.28 -12.85 -2.02
C THR A 228 -12.06 -12.37 -0.79
N LEU A 229 -11.69 -11.20 -0.24
CA LEU A 229 -12.36 -10.58 0.88
C LEU A 229 -12.61 -9.15 0.51
N MET A 230 -13.83 -8.70 0.88
CA MET A 230 -14.19 -7.33 0.82
C MET A 230 -14.39 -6.84 2.23
N ASN A 231 -13.54 -5.91 2.65
CA ASN A 231 -13.47 -5.50 4.05
C ASN A 231 -13.51 -6.64 5.02
N GLY A 232 -12.76 -7.69 4.68
CA GLY A 232 -12.50 -8.71 5.63
C GLY A 232 -13.49 -9.88 5.55
N THR A 233 -14.47 -9.82 4.65
CA THR A 233 -15.46 -10.88 4.58
C THR A 233 -15.84 -11.25 3.16
N ASN A 234 -16.33 -12.49 3.02
CA ASN A 234 -16.96 -12.93 1.81
C ASN A 234 -17.72 -14.21 2.11
N THR A 235 -18.59 -14.57 1.17
CA THR A 235 -19.19 -15.92 1.14
C THR A 235 -18.14 -16.94 0.66
N PHE A 236 -18.39 -18.20 0.98
CA PHE A 236 -17.65 -19.32 0.41
C PHE A 236 -18.56 -20.59 0.52
N ASP A 237 -18.63 -21.34 -0.56
CA ASP A 237 -19.52 -22.49 -0.58
C ASP A 237 -18.76 -23.61 0.00
N CYS A 238 -19.06 -23.98 1.24
CA CYS A 238 -18.43 -25.14 1.88
C CYS A 238 -19.33 -26.41 1.79
N SER A 239 -20.48 -26.30 1.12
CA SER A 239 -21.49 -27.39 1.07
C SER A 239 -20.88 -28.72 0.65
N ALA A 240 -20.14 -28.79 -0.45
CA ALA A 240 -19.45 -30.02 -0.84
C ALA A 240 -18.05 -30.25 -0.28
N SER A 241 -17.63 -29.57 0.79
CA SER A 241 -16.24 -29.73 1.30
C SER A 241 -16.06 -30.82 2.34
N THR A 242 -14.96 -31.54 2.26
CA THR A 242 -14.61 -32.53 3.28
C THR A 242 -13.53 -31.96 4.20
N ASP A 243 -13.20 -30.68 4.02
CA ASP A 243 -12.20 -30.03 4.85
C ASP A 243 -12.91 -29.57 6.14
N PRO A 244 -12.48 -30.07 7.31
CA PRO A 244 -13.21 -29.68 8.54
C PRO A 244 -13.18 -28.14 8.78
N ASN A 245 -12.18 -27.46 8.21
CA ASN A 245 -12.10 -26.00 8.39
C ASN A 245 -13.07 -25.23 7.55
N CYS A 246 -13.70 -25.88 6.59
CA CYS A 246 -14.66 -25.18 5.76
C CYS A 246 -16.02 -25.26 6.47
N VAL A 247 -16.20 -24.37 7.45
CA VAL A 247 -17.38 -24.43 8.31
C VAL A 247 -18.57 -23.68 7.74
N GLY A 248 -18.37 -22.82 6.72
CA GLY A 248 -19.47 -22.17 6.09
C GLY A 248 -19.87 -20.98 6.91
N GLY A 249 -20.90 -20.31 6.42
CA GLY A 249 -21.56 -19.12 7.05
C GLY A 249 -20.88 -17.83 6.63
N GLY A 250 -19.97 -17.91 5.64
CA GLY A 250 -19.29 -16.69 5.19
C GLY A 250 -20.37 -15.72 4.73
N LYS A 251 -20.17 -14.44 4.93
CA LYS A 251 -21.17 -13.49 4.56
C LYS A 251 -20.56 -12.36 3.70
N LYS A 252 -21.37 -11.80 2.82
CA LYS A 252 -20.97 -10.67 2.02
C LYS A 252 -20.77 -9.44 2.89
N PHE A 253 -19.74 -8.68 2.53
CA PHE A 253 -19.62 -7.33 3.00
C PHE A 253 -20.90 -6.53 2.72
N GLU A 254 -21.39 -5.79 3.73
CA GLU A 254 -22.61 -5.04 3.55
C GLU A 254 -22.34 -3.58 3.91
N LEU A 255 -22.94 -2.71 3.14
CA LEU A 255 -22.84 -1.30 3.30
C LEU A 255 -24.29 -0.78 3.18
N THR A 256 -24.74 0.04 4.13
CA THR A 256 -26.10 0.60 4.11
C THR A 256 -26.09 2.06 3.80
N PHE A 257 -26.88 2.49 2.84
CA PHE A 257 -27.04 3.91 2.52
C PHE A 257 -28.45 4.38 2.98
N VAL A 258 -28.45 5.62 3.44
CA VAL A 258 -29.64 6.47 3.59
C VAL A 258 -29.82 7.36 2.38
N GLU A 259 -30.99 7.24 1.78
CA GLU A 259 -31.23 7.95 0.57
C GLU A 259 -30.90 9.45 0.75
N GLY A 260 -30.18 10.02 -0.22
CA GLY A 260 -29.82 11.43 -0.25
C GLY A 260 -28.49 11.78 0.42
N THR A 261 -27.92 10.86 1.19
CA THR A 261 -26.71 11.22 1.94
C THR A 261 -25.53 11.04 1.01
N LYS A 262 -24.46 11.86 1.20
CA LYS A 262 -23.21 11.63 0.44
C LYS A 262 -22.17 10.98 1.39
N TYR A 263 -21.61 9.86 0.95
CA TYR A 263 -20.70 9.03 1.73
C TYR A 263 -19.31 9.05 1.11
N ARG A 264 -18.32 9.24 1.99
CA ARG A 264 -16.95 9.03 1.66
C ARG A 264 -16.62 7.57 1.96
N LEU A 265 -16.12 6.90 0.94
CA LEU A 265 -15.65 5.51 0.95
C LEU A 265 -14.17 5.61 0.68
N ARG A 266 -13.39 4.84 1.42
CA ARG A 266 -11.95 4.91 1.33
C ARG A 266 -11.47 3.53 0.92
N LEU A 267 -11.10 3.42 -0.34
CA LEU A 267 -10.84 2.15 -1.02
C LEU A 267 -9.36 1.87 -1.01
N ILE A 268 -8.97 0.66 -0.59
CA ILE A 268 -7.59 0.19 -0.54
C ILE A 268 -7.48 -1.19 -1.07
N ASN A 269 -6.61 -1.37 -2.05
CA ASN A 269 -6.33 -2.71 -2.54
C ASN A 269 -5.10 -3.21 -1.74
N VAL A 270 -5.29 -4.27 -0.99
CA VAL A 270 -4.29 -4.82 -0.06
C VAL A 270 -4.01 -6.30 -0.32
N GLY A 271 -4.26 -6.75 -1.54
CA GLY A 271 -4.06 -8.15 -1.87
C GLY A 271 -2.59 -8.45 -2.01
N ILE A 272 -2.29 -9.73 -2.04
CA ILE A 272 -0.94 -10.32 -2.30
C ILE A 272 -0.62 -10.10 -3.79
N ASP A 273 -1.65 -10.24 -4.59
CA ASP A 273 -1.52 -10.25 -6.09
C ASP A 273 -2.89 -10.17 -6.72
N SER A 274 -3.50 -9.02 -6.61
CA SER A 274 -4.89 -8.76 -6.96
C SER A 274 -4.98 -7.41 -7.61
N HIS A 275 -5.76 -7.33 -8.65
CA HIS A 275 -6.10 -6.02 -9.26
C HIS A 275 -7.61 -5.90 -9.19
N PHE A 276 -8.09 -4.69 -8.93
CA PHE A 276 -9.49 -4.44 -8.79
C PHE A 276 -9.91 -3.30 -9.66
N GLU A 277 -11.19 -3.34 -10.04
CA GLU A 277 -11.88 -2.27 -10.70
C GLU A 277 -13.21 -2.00 -10.03
N PHE A 278 -13.16 -1.27 -8.91
CA PHE A 278 -14.24 -1.17 -7.99
C PHE A 278 -15.41 -0.43 -8.65
N ALA A 279 -16.60 -0.86 -8.31
CA ALA A 279 -17.80 -0.25 -8.87
C ALA A 279 -18.92 -0.59 -7.94
N ILE A 280 -19.89 0.29 -7.89
CA ILE A 280 -21.13 0.00 -7.23
C ILE A 280 -22.26 0.11 -8.26
N ASP A 281 -23.02 -0.94 -8.41
CA ASP A 281 -24.00 -0.92 -9.50
C ASP A 281 -24.92 0.28 -9.32
N ASN A 282 -25.20 0.92 -10.44
CA ASN A 282 -26.12 2.04 -10.58
C ASN A 282 -25.77 3.22 -9.70
N HIS A 283 -24.49 3.27 -9.29
CA HIS A 283 -23.94 4.44 -8.64
C HIS A 283 -22.67 4.91 -9.35
N THR A 284 -22.46 6.21 -9.18
CA THR A 284 -21.31 6.94 -9.65
C THR A 284 -20.36 7.23 -8.48
N LEU A 285 -19.10 7.16 -8.80
CA LEU A 285 -18.04 7.46 -7.85
C LEU A 285 -17.50 8.81 -8.20
N THR A 286 -17.49 9.75 -7.28
CA THR A 286 -16.73 10.98 -7.44
C THR A 286 -15.40 10.81 -6.70
N VAL A 287 -14.35 10.74 -7.49
CA VAL A 287 -13.00 10.44 -7.00
C VAL A 287 -12.36 11.76 -6.50
N ILE A 288 -11.95 11.77 -5.23
CA ILE A 288 -11.45 13.03 -4.57
C ILE A 288 -10.06 12.97 -4.01
N ALA A 289 -9.45 11.80 -4.04
CA ALA A 289 -8.06 11.65 -3.58
C ALA A 289 -7.55 10.42 -4.21
N ASN A 290 -6.25 10.45 -4.46
CA ASN A 290 -5.55 9.27 -4.77
C ASN A 290 -4.38 9.12 -3.77
N ASP A 291 -4.19 7.92 -3.29
CA ASP A 291 -3.31 7.74 -2.19
C ASP A 291 -3.51 8.85 -1.13
N LEU A 292 -2.44 9.58 -0.75
CA LEU A 292 -2.55 10.64 0.28
C LEU A 292 -2.53 12.04 -0.36
N VAL A 293 -3.02 12.12 -1.58
CA VAL A 293 -3.05 13.38 -2.34
C VAL A 293 -4.46 13.65 -2.85
N PRO A 294 -5.07 14.68 -2.32
CA PRO A 294 -6.33 15.12 -2.86
C PRO A 294 -6.20 15.56 -4.31
N ILE A 295 -7.23 15.18 -5.09
CA ILE A 295 -7.29 15.49 -6.52
C ILE A 295 -8.58 16.32 -6.82
N VAL A 296 -8.55 16.96 -7.99
CA VAL A 296 -9.71 17.60 -8.54
C VAL A 296 -10.75 16.50 -8.77
N PRO A 297 -11.94 16.66 -8.18
CA PRO A 297 -12.91 15.59 -8.30
C PRO A 297 -13.25 15.28 -9.77
N TYR A 298 -13.38 13.99 -10.07
CA TYR A 298 -13.89 13.50 -11.34
C TYR A 298 -14.81 12.33 -11.09
N THR A 299 -15.77 12.14 -12.01
CA THR A 299 -16.76 11.07 -11.79
C THR A 299 -16.42 9.91 -12.64
N THR A 300 -16.70 8.72 -12.13
CA THR A 300 -16.37 7.53 -12.86
C THR A 300 -17.30 6.43 -12.40
N ASP A 301 -17.64 5.52 -13.31
CA ASP A 301 -18.45 4.35 -12.93
C ASP A 301 -17.68 3.21 -12.28
N THR A 302 -16.40 3.10 -12.61
CA THR A 302 -15.53 2.04 -12.09
C THR A 302 -14.19 2.68 -11.79
N LEU A 303 -13.38 1.98 -11.01
CA LEU A 303 -12.18 2.64 -10.45
C LEU A 303 -11.08 1.56 -10.37
N LEU A 304 -10.12 1.68 -11.26
CA LEU A 304 -8.99 0.77 -11.32
C LEU A 304 -8.11 1.01 -10.13
N ILE A 305 -7.69 -0.05 -9.44
CA ILE A 305 -6.95 0.11 -8.21
C ILE A 305 -5.89 -1.00 -8.12
N GLY A 306 -4.63 -0.58 -8.19
CA GLY A 306 -3.51 -1.47 -7.96
C GLY A 306 -3.18 -1.64 -6.52
N ILE A 307 -2.36 -2.69 -6.27
CA ILE A 307 -2.03 -3.06 -4.89
C ILE A 307 -1.29 -1.92 -4.17
N GLY A 308 -1.80 -1.51 -3.03
CA GLY A 308 -1.21 -0.44 -2.32
C GLY A 308 -1.78 0.91 -2.61
N GLN A 309 -2.47 1.05 -3.72
CA GLN A 309 -3.17 2.23 -4.04
C GLN A 309 -4.38 2.42 -3.18
N ARG A 310 -4.70 3.68 -2.94
CA ARG A 310 -5.89 4.09 -2.25
C ARG A 310 -6.55 5.12 -3.11
N TYR A 311 -7.87 5.08 -3.09
CA TYR A 311 -8.72 6.19 -3.55
C TYR A 311 -9.76 6.56 -2.53
N ASP A 312 -10.11 7.84 -2.50
CA ASP A 312 -11.23 8.32 -1.74
C ASP A 312 -12.27 8.69 -2.80
N VAL A 313 -13.48 8.19 -2.55
CA VAL A 313 -14.65 8.51 -3.39
C VAL A 313 -15.79 8.99 -2.55
N ILE A 314 -16.58 9.86 -3.16
CA ILE A 314 -17.85 10.26 -2.59
C ILE A 314 -18.91 9.60 -3.48
N VAL A 315 -19.79 8.87 -2.82
CA VAL A 315 -20.98 8.31 -3.48
C VAL A 315 -22.21 8.97 -2.83
N GLU A 316 -23.03 9.54 -3.72
CA GLU A 316 -24.31 10.04 -3.31
C GLU A 316 -25.35 8.92 -3.49
N ALA A 317 -26.08 8.67 -2.43
CA ALA A 317 -27.09 7.63 -2.38
C ALA A 317 -28.42 8.17 -3.06
N ASN A 318 -28.37 8.29 -4.35
CA ASN A 318 -29.45 8.86 -5.13
C ASN A 318 -30.12 7.81 -6.05
N ALA A 319 -29.81 6.52 -5.91
CA ALA A 319 -30.49 5.51 -6.70
C ALA A 319 -31.86 5.17 -6.11
N ALA A 320 -32.64 4.43 -6.89
CA ALA A 320 -33.84 3.83 -6.31
C ALA A 320 -33.36 2.98 -5.20
N ALA A 321 -34.04 3.08 -4.07
CA ALA A 321 -33.71 2.32 -2.92
C ALA A 321 -33.94 0.82 -3.14
N ASP A 322 -32.87 0.05 -2.97
CA ASP A 322 -32.79 -1.32 -3.41
C ASP A 322 -31.41 -1.81 -2.95
N ASN A 323 -31.16 -3.09 -3.16
CA ASN A 323 -29.87 -3.72 -2.91
C ASN A 323 -29.12 -3.68 -4.20
N TYR A 324 -27.85 -3.28 -4.14
CA TYR A 324 -26.99 -3.23 -5.30
C TYR A 324 -25.72 -3.97 -5.05
N TRP A 325 -25.23 -4.61 -6.11
CA TRP A 325 -23.96 -5.31 -5.95
C TRP A 325 -22.82 -4.27 -5.89
N ILE A 326 -21.88 -4.50 -4.97
CA ILE A 326 -20.58 -3.82 -4.91
C ILE A 326 -19.60 -4.76 -5.55
N ARG A 327 -18.96 -4.32 -6.63
CA ARG A 327 -18.11 -5.19 -7.43
C ARG A 327 -16.63 -4.85 -7.23
N GLY A 328 -15.80 -5.84 -6.85
CA GLY A 328 -14.35 -5.61 -6.83
C GLY A 328 -13.84 -5.71 -8.25
N ASN A 329 -14.57 -6.43 -9.09
CA ASN A 329 -14.10 -6.67 -10.49
C ASN A 329 -12.67 -7.08 -10.49
N TRP A 330 -12.48 -8.21 -9.91
CA TRP A 330 -11.19 -8.86 -9.92
C TRP A 330 -10.64 -8.91 -11.35
N GLY A 331 -9.40 -8.43 -11.54
CA GLY A 331 -8.77 -8.41 -12.86
C GLY A 331 -8.21 -9.76 -13.22
N THR A 332 -9.04 -10.54 -13.93
CA THR A 332 -8.64 -11.91 -14.28
C THR A 332 -7.50 -11.95 -15.30
N THR A 333 -7.40 -10.92 -16.14
CA THR A 333 -6.27 -10.77 -17.05
C THR A 333 -5.00 -10.38 -16.27
N CYS A 334 -5.14 -9.93 -15.02
CA CYS A 334 -3.97 -9.49 -14.26
C CYS A 334 -3.34 -10.57 -13.41
N SER A 335 -4.20 -11.35 -12.71
CA SER A 335 -3.72 -12.46 -11.96
C SER A 335 -4.98 -13.40 -11.79
N THR A 336 -4.68 -14.60 -11.39
CA THR A 336 -5.72 -15.61 -11.23
C THR A 336 -6.27 -15.65 -9.79
N ASN A 337 -7.54 -16.04 -9.73
CA ASN A 337 -8.20 -16.38 -8.45
C ASN A 337 -9.27 -17.46 -8.73
N ASN A 338 -9.56 -18.26 -7.74
CA ASN A 338 -10.46 -19.36 -7.91
C ASN A 338 -11.85 -18.96 -7.91
N GLU A 339 -12.12 -17.77 -7.34
CA GLU A 339 -13.43 -17.28 -7.16
C GLU A 339 -13.55 -15.81 -7.54
N ALA A 340 -13.05 -15.46 -8.72
CA ALA A 340 -13.06 -14.08 -9.16
C ALA A 340 -14.43 -13.42 -9.20
N ALA A 341 -15.43 -14.15 -9.65
CA ALA A 341 -16.73 -13.59 -9.80
C ALA A 341 -17.35 -13.22 -8.46
N ASN A 342 -16.85 -13.78 -7.39
CA ASN A 342 -17.45 -13.47 -6.05
C ASN A 342 -16.77 -12.46 -5.25
N ALA A 343 -15.92 -11.67 -5.92
CA ALA A 343 -15.32 -10.50 -5.31
C ALA A 343 -16.33 -9.37 -5.33
N THR A 344 -17.34 -9.48 -4.49
CA THR A 344 -18.47 -8.61 -4.48
C THR A 344 -18.90 -8.43 -3.01
N GLY A 345 -19.66 -7.35 -2.80
CA GLY A 345 -20.39 -7.10 -1.56
C GLY A 345 -21.77 -6.56 -1.91
N ILE A 346 -22.47 -6.14 -0.88
CA ILE A 346 -23.85 -5.74 -1.02
C ILE A 346 -24.07 -4.37 -0.42
N LEU A 347 -24.53 -3.45 -1.25
CA LEU A 347 -25.06 -2.19 -0.83
C LEU A 347 -26.61 -2.33 -0.66
N ARG A 348 -27.09 -1.94 0.51
CA ARG A 348 -28.55 -1.90 0.83
C ARG A 348 -28.94 -0.47 1.14
N TYR A 349 -30.12 -0.07 0.67
CA TYR A 349 -30.76 1.18 1.14
C TYR A 349 -31.69 0.88 2.22
N ASP A 350 -32.06 -0.39 2.34
CA ASP A 350 -32.89 -0.82 3.44
C ASP A 350 -32.17 -1.95 4.11
N SER A 351 -31.65 -1.67 5.28
CA SER A 351 -30.80 -2.60 5.98
C SER A 351 -31.56 -3.83 6.46
N SER A 352 -32.88 -3.76 6.52
CA SER A 352 -33.66 -4.94 6.92
C SER A 352 -33.80 -5.92 5.77
N SER A 353 -33.45 -5.53 4.55
CA SER A 353 -33.47 -6.48 3.45
C SER A 353 -32.35 -7.50 3.62
N ILE A 354 -32.67 -8.75 3.31
CA ILE A 354 -31.72 -9.84 3.33
C ILE A 354 -31.53 -10.43 1.94
N ALA A 355 -32.20 -9.90 0.93
CA ALA A 355 -32.08 -10.41 -0.44
C ALA A 355 -30.75 -10.06 -1.08
N ASN A 356 -30.24 -10.94 -1.91
CA ASN A 356 -29.18 -10.55 -2.80
C ASN A 356 -29.63 -9.52 -3.82
N PRO A 357 -28.72 -8.61 -4.21
CA PRO A 357 -29.03 -7.74 -5.29
C PRO A 357 -29.35 -8.54 -6.56
N THR A 358 -30.17 -7.95 -7.40
CA THR A 358 -30.30 -8.36 -8.75
C THR A 358 -29.86 -7.26 -9.69
N SER A 359 -28.97 -6.36 -9.27
CA SER A 359 -28.64 -5.22 -10.08
C SER A 359 -27.68 -5.67 -11.19
N VAL A 360 -27.59 -4.86 -12.21
CA VAL A 360 -26.82 -5.18 -13.39
C VAL A 360 -25.58 -4.28 -13.36
N GLY A 361 -24.42 -4.92 -13.44
CA GLY A 361 -23.19 -4.20 -13.36
C GLY A 361 -22.86 -3.42 -14.60
N THR A 362 -22.05 -2.39 -14.42
CA THR A 362 -21.46 -1.68 -15.50
C THR A 362 -20.31 -2.53 -16.03
N THR A 363 -20.14 -2.56 -17.35
CA THR A 363 -19.16 -3.38 -17.95
C THR A 363 -17.80 -2.78 -17.58
N PRO A 364 -16.95 -3.57 -16.98
CA PRO A 364 -15.63 -3.01 -16.58
C PRO A 364 -14.75 -2.73 -17.77
N ARG A 365 -13.84 -1.80 -17.65
CA ARG A 365 -12.86 -1.67 -18.70
C ARG A 365 -12.10 -2.96 -18.84
N GLY A 366 -11.88 -3.62 -17.71
CA GLY A 366 -11.25 -4.94 -17.62
C GLY A 366 -9.75 -5.06 -17.80
N THR A 367 -9.04 -3.94 -17.56
CA THR A 367 -7.60 -3.93 -17.72
C THR A 367 -6.90 -4.00 -16.37
N CYS A 368 -5.58 -4.05 -16.41
CA CYS A 368 -4.73 -3.99 -15.21
C CYS A 368 -4.12 -2.62 -15.03
N GLU A 369 -4.68 -1.64 -15.72
CA GLU A 369 -4.12 -0.30 -15.71
C GLU A 369 -4.42 0.39 -14.41
N ASP A 370 -3.75 1.53 -14.23
CA ASP A 370 -4.18 2.49 -13.24
C ASP A 370 -5.29 3.37 -13.84
N GLU A 371 -5.96 4.16 -13.02
CA GLU A 371 -6.78 5.27 -13.55
C GLU A 371 -5.98 6.12 -14.54
N PRO A 372 -6.64 6.63 -15.58
CA PRO A 372 -5.88 7.40 -16.58
C PRO A 372 -5.18 8.62 -15.96
N VAL A 373 -3.95 8.82 -16.37
CA VAL A 373 -3.20 10.01 -15.92
C VAL A 373 -4.00 11.28 -16.06
N ALA A 374 -4.76 11.44 -17.15
CA ALA A 374 -5.48 12.71 -17.33
C ALA A 374 -6.53 13.00 -16.30
N SER A 375 -7.00 11.96 -15.60
CA SER A 375 -7.99 12.04 -14.57
C SER A 375 -7.48 12.39 -13.21
N LEU A 376 -6.17 12.28 -13.02
CA LEU A 376 -5.58 12.37 -11.68
C LEU A 376 -4.78 13.65 -11.53
N VAL A 377 -5.52 14.69 -11.26
CA VAL A 377 -4.96 16.02 -11.11
C VAL A 377 -4.99 16.54 -9.69
N PRO A 378 -3.81 16.61 -9.04
CA PRO A 378 -3.84 17.07 -7.71
C PRO A 378 -4.49 18.44 -7.57
N HIS A 379 -5.20 18.60 -6.48
CA HIS A 379 -5.85 19.88 -6.18
C HIS A 379 -4.77 20.96 -5.88
N LEU A 380 -3.81 20.60 -5.03
CA LEU A 380 -2.60 21.37 -4.80
C LEU A 380 -1.61 21.16 -5.92
N ALA A 381 -1.57 22.11 -6.84
CA ALA A 381 -0.77 21.95 -8.03
C ALA A 381 0.73 22.21 -7.81
N LEU A 382 1.55 21.24 -8.18
CA LEU A 382 3.00 21.32 -8.08
C LEU A 382 3.62 20.85 -9.35
N ASP A 383 4.68 21.50 -9.71
CA ASP A 383 5.43 21.14 -10.90
C ASP A 383 6.74 20.57 -10.56
N VAL A 384 7.23 19.74 -11.46
CA VAL A 384 8.52 19.14 -11.30
C VAL A 384 9.57 20.11 -11.83
N GLY A 385 10.60 20.30 -11.07
CA GLY A 385 11.66 21.20 -11.43
C GLY A 385 12.75 20.55 -12.24
N GLY A 386 13.86 21.26 -12.30
CA GLY A 386 15.01 20.80 -13.03
C GLY A 386 15.46 19.47 -12.45
N TYR A 387 15.74 18.49 -13.32
CA TYR A 387 16.05 17.16 -12.78
C TYR A 387 17.22 16.45 -13.33
N SER A 388 17.66 15.47 -12.57
CA SER A 388 18.59 14.48 -13.07
C SER A 388 17.85 13.11 -13.28
N LEU A 389 18.11 12.42 -14.38
CA LEU A 389 17.39 11.19 -14.74
C LEU A 389 18.14 9.92 -14.35
N VAL A 390 17.45 8.94 -13.76
CA VAL A 390 18.04 7.69 -13.40
C VAL A 390 17.15 6.68 -14.07
N ASP A 391 17.76 5.75 -14.80
CA ASP A 391 17.04 4.80 -15.57
C ASP A 391 17.40 3.43 -15.02
N GLU A 392 16.38 2.61 -14.76
CA GLU A 392 16.64 1.22 -14.41
C GLU A 392 15.63 0.32 -15.11
N GLN A 393 16.03 -0.93 -15.22
CA GLN A 393 15.37 -1.93 -16.07
C GLN A 393 15.10 -3.17 -15.30
N VAL A 394 13.85 -3.56 -15.40
CA VAL A 394 13.40 -4.78 -14.79
C VAL A 394 13.47 -5.95 -15.77
N SER A 395 14.10 -7.01 -15.31
CA SER A 395 14.11 -8.27 -15.99
C SER A 395 13.88 -9.42 -14.98
N SER A 396 14.04 -10.64 -15.44
CA SER A 396 13.91 -11.78 -14.55
C SER A 396 15.04 -12.72 -14.72
N ALA A 397 15.25 -13.51 -13.70
CA ALA A 397 16.32 -14.55 -13.68
C ALA A 397 15.85 -15.71 -12.84
N PHE A 398 16.58 -16.81 -12.88
CA PHE A 398 16.31 -17.95 -12.04
C PHE A 398 17.59 -18.43 -11.42
N THR A 399 17.70 -18.24 -10.11
CA THR A 399 18.89 -18.72 -9.41
C THR A 399 18.45 -19.97 -8.63
N ASN A 400 18.18 -19.79 -7.34
CA ASN A 400 17.59 -20.83 -6.51
C ASN A 400 16.10 -20.94 -6.88
N TYR A 401 15.52 -19.82 -7.32
CA TYR A 401 14.11 -19.75 -7.65
C TYR A 401 13.97 -18.54 -8.55
N PHE A 402 12.74 -18.22 -8.96
CA PHE A 402 12.46 -17.13 -9.84
C PHE A 402 12.76 -15.84 -9.12
N THR A 403 13.56 -14.99 -9.76
CA THR A 403 13.91 -13.68 -9.20
C THR A 403 13.63 -12.60 -10.23
N TRP A 404 13.34 -11.41 -9.72
CA TRP A 404 13.25 -10.24 -10.56
C TRP A 404 14.50 -9.48 -10.33
N THR A 405 15.00 -8.88 -11.41
CA THR A 405 16.17 -8.08 -11.32
C THR A 405 15.92 -6.66 -11.72
N ILE A 406 16.67 -5.77 -11.08
CA ILE A 406 16.76 -4.35 -11.35
C ILE A 406 18.20 -4.05 -11.77
N ASN A 407 18.36 -3.71 -13.05
CA ASN A 407 19.70 -3.61 -13.65
C ASN A 407 20.55 -4.80 -13.27
N SER A 408 19.95 -5.96 -13.49
CA SER A 408 20.61 -7.26 -13.35
C SER A 408 20.86 -7.70 -11.97
N SER A 409 20.29 -7.07 -10.95
CA SER A 409 20.52 -7.49 -9.61
C SER A 409 19.19 -7.60 -8.84
N SER A 410 18.92 -8.76 -8.27
CA SER A 410 17.74 -8.98 -7.47
C SER A 410 17.97 -8.55 -6.00
N LEU A 411 17.03 -7.80 -5.42
CA LEU A 411 17.23 -7.33 -4.02
C LEU A 411 17.28 -8.49 -3.05
N LEU A 412 18.31 -8.45 -2.21
CA LEU A 412 18.47 -9.40 -1.12
C LEU A 412 19.12 -8.71 0.06
N LEU A 413 18.33 -8.50 1.11
CA LEU A 413 18.76 -7.73 2.26
C LEU A 413 19.18 -8.62 3.42
N ASP A 414 20.10 -8.08 4.20
CA ASP A 414 20.48 -8.70 5.44
C ASP A 414 19.78 -7.98 6.53
N TRP A 415 18.82 -8.66 7.15
CA TRP A 415 18.02 -8.10 8.28
C TRP A 415 18.85 -7.63 9.45
N SER A 416 20.06 -8.19 9.64
CA SER A 416 20.89 -7.77 10.76
C SER A 416 21.85 -6.68 10.35
N SER A 417 21.84 -6.28 9.07
CA SER A 417 22.65 -5.14 8.64
C SER A 417 21.82 -4.32 7.67
N PRO A 418 20.80 -3.71 8.22
CA PRO A 418 19.99 -2.87 7.36
C PRO A 418 20.77 -1.67 6.83
N THR A 419 20.31 -1.13 5.70
CA THR A 419 20.96 0.02 5.10
C THR A 419 21.26 1.13 6.08
N THR A 420 20.29 1.44 6.98
CA THR A 420 20.49 2.47 7.96
C THR A 420 21.58 2.14 8.92
N LEU A 421 21.70 0.88 9.26
CA LEU A 421 22.85 0.49 10.14
C LEU A 421 24.20 0.80 9.44
N LYS A 422 24.27 0.44 8.19
CA LYS A 422 25.39 0.80 7.34
C LYS A 422 25.66 2.27 7.26
N ILE A 423 24.62 3.04 7.00
CA ILE A 423 24.70 4.48 7.10
C ILE A 423 25.20 5.02 8.45
N PHE A 424 24.64 4.56 9.56
CA PHE A 424 25.10 5.03 10.87
C PHE A 424 26.59 4.67 11.10
N ASN A 425 27.06 3.62 10.42
CA ASN A 425 28.48 3.29 10.39
C ASN A 425 29.34 3.97 9.35
N ASN A 426 28.78 5.00 8.71
CA ASN A 426 29.42 5.86 7.75
C ASN A 426 29.86 5.13 6.47
N GLU A 427 29.20 4.05 6.18
CA GLU A 427 29.38 3.31 4.91
C GLU A 427 28.63 4.04 3.81
N THR A 428 29.26 4.20 2.65
CA THR A 428 28.65 4.82 1.48
C THR A 428 28.65 3.88 0.28
N ILE A 429 29.25 2.71 0.41
CA ILE A 429 29.28 1.74 -0.68
C ILE A 429 28.56 0.55 -0.14
N PHE A 430 27.46 0.20 -0.78
CA PHE A 430 26.59 -0.85 -0.28
C PHE A 430 26.65 -2.15 -1.09
N PRO A 431 26.14 -3.23 -0.55
CA PRO A 431 26.25 -4.48 -1.29
C PRO A 431 25.50 -4.33 -2.56
N THR A 432 25.97 -5.03 -3.60
CA THR A 432 25.32 -4.99 -4.85
C THR A 432 23.82 -5.31 -4.73
N GLU A 433 23.53 -6.33 -3.97
CA GLU A 433 22.16 -6.83 -3.89
C GLU A 433 21.22 -5.94 -3.02
N TYR A 434 21.76 -4.88 -2.42
CA TYR A 434 20.97 -3.84 -1.80
C TYR A 434 20.39 -2.89 -2.87
N ASN A 435 20.83 -3.01 -4.14
CA ASN A 435 20.28 -2.18 -5.24
C ASN A 435 20.16 -0.70 -4.94
N VAL A 436 21.22 -0.14 -4.37
CA VAL A 436 21.23 1.24 -3.95
C VAL A 436 21.50 2.16 -5.10
N VAL A 437 20.63 3.16 -5.26
CA VAL A 437 20.95 4.30 -6.06
C VAL A 437 21.16 5.47 -5.09
N ALA A 438 22.35 6.06 -5.13
CA ALA A 438 22.61 7.26 -4.30
C ALA A 438 22.10 8.46 -4.98
N LEU A 439 21.44 9.33 -4.22
CA LEU A 439 20.94 10.59 -4.68
C LEU A 439 21.58 11.63 -3.83
N GLU A 440 22.09 12.68 -4.47
CA GLU A 440 22.68 13.82 -3.74
C GLU A 440 22.37 14.97 -4.64
N GLN A 441 22.07 16.14 -4.12
CA GLN A 441 21.92 17.26 -5.07
C GLN A 441 23.22 17.64 -5.81
N GLU A 446 18.94 20.15 -10.87
CA GLU A 446 19.37 18.96 -10.14
C GLU A 446 18.78 18.74 -8.70
N GLU A 447 17.82 19.55 -8.23
CA GLU A 447 17.12 19.27 -6.91
C GLU A 447 16.08 18.13 -7.03
N TRP A 448 15.75 17.76 -8.26
CA TRP A 448 14.76 16.70 -8.55
C TRP A 448 15.41 15.53 -9.19
N VAL A 449 14.85 14.34 -8.98
CA VAL A 449 15.22 13.16 -9.71
C VAL A 449 13.99 12.65 -10.49
N VAL A 450 14.19 12.30 -11.74
CA VAL A 450 13.24 11.48 -12.45
C VAL A 450 13.81 10.08 -12.53
N TYR A 451 13.00 9.13 -12.06
CA TYR A 451 13.39 7.76 -11.97
C TYR A 451 12.52 7.03 -12.99
N VAL A 452 13.16 6.50 -14.01
CA VAL A 452 12.51 5.69 -15.06
C VAL A 452 12.77 4.22 -14.78
N ILE A 453 11.68 3.47 -14.62
CA ILE A 453 11.77 2.05 -14.47
C ILE A 453 11.06 1.43 -15.66
N GLU A 454 11.77 0.53 -16.30
CA GLU A 454 11.34 -0.08 -17.55
C GLU A 454 11.11 -1.54 -17.34
N ASP A 455 10.04 -1.99 -17.94
CA ASP A 455 9.72 -3.43 -17.94
C ASP A 455 10.31 -4.07 -19.16
N LEU A 456 11.37 -4.80 -18.97
CA LEU A 456 12.02 -5.53 -20.06
C LEU A 456 11.74 -7.03 -19.95
N THR A 457 10.84 -7.43 -19.09
CA THR A 457 10.59 -8.85 -18.86
C THR A 457 9.87 -9.53 -20.01
N GLY A 458 9.11 -8.77 -20.76
CA GLY A 458 8.19 -9.29 -21.77
C GLY A 458 6.83 -9.81 -21.27
N PHE A 459 6.63 -9.75 -19.94
CA PHE A 459 5.45 -10.36 -19.32
C PHE A 459 4.21 -9.53 -19.32
N GLY A 460 4.25 -8.24 -19.60
CA GLY A 460 2.94 -7.57 -19.66
C GLY A 460 2.11 -7.54 -18.35
N ILE A 461 2.82 -7.76 -17.24
CA ILE A 461 2.23 -7.51 -15.92
C ILE A 461 2.31 -5.99 -15.63
N TRP A 462 1.27 -5.44 -15.04
CA TRP A 462 1.28 -4.04 -14.62
C TRP A 462 1.64 -4.00 -13.12
N HIS A 463 2.88 -3.65 -12.81
CA HIS A 463 3.41 -3.88 -11.50
C HIS A 463 3.17 -2.64 -10.67
N PRO A 464 2.47 -2.76 -9.51
CA PRO A 464 2.29 -1.61 -8.63
C PRO A 464 3.55 -1.20 -7.91
N ILE A 465 4.12 -0.07 -8.30
CA ILE A 465 5.41 0.32 -7.76
C ILE A 465 5.17 1.33 -6.63
N HIS A 466 5.73 0.98 -5.48
CA HIS A 466 5.61 1.80 -4.27
C HIS A 466 6.95 2.45 -3.98
N LEU A 467 6.98 3.75 -3.80
CA LEU A 467 8.16 4.48 -3.35
C LEU A 467 7.95 4.99 -1.89
N HIS A 468 8.90 4.68 -1.04
CA HIS A 468 8.87 5.10 0.36
C HIS A 468 9.44 6.54 0.47
N GLY A 469 9.07 7.21 1.50
CA GLY A 469 9.67 8.54 1.81
C GLY A 469 9.28 9.70 1.00
N HIS A 470 8.42 9.50 -0.01
CA HIS A 470 8.10 10.52 -0.97
C HIS A 470 6.76 10.20 -1.64
N ASP A 471 6.03 11.27 -1.95
CA ASP A 471 5.06 11.24 -3.03
C ASP A 471 5.85 11.47 -4.29
N PHE A 472 5.59 10.70 -5.29
CA PHE A 472 6.19 11.01 -6.59
C PHE A 472 5.18 11.59 -7.58
N PHE A 473 5.75 12.12 -8.66
CA PHE A 473 5.03 12.71 -9.76
C PHE A 473 5.10 11.79 -10.95
N ILE A 474 3.95 11.36 -11.46
CA ILE A 474 3.99 10.45 -12.56
C ILE A 474 4.16 11.34 -13.80
N VAL A 475 5.37 11.48 -14.24
CA VAL A 475 5.69 12.29 -15.44
C VAL A 475 5.46 11.52 -16.75
N ALA A 476 5.47 10.19 -16.64
CA ALA A 476 5.08 9.33 -17.76
C ALA A 476 4.67 8.01 -17.19
N GLN A 477 3.63 7.45 -17.74
CA GLN A 477 3.24 6.07 -17.45
C GLN A 477 2.78 5.53 -18.81
N GLU A 478 3.71 4.86 -19.45
CA GLU A 478 3.58 4.58 -20.87
C GLU A 478 3.69 3.11 -21.21
N THR A 479 2.81 2.74 -22.11
CA THR A 479 2.85 1.46 -22.78
C THR A 479 3.68 1.55 -24.08
N ASP A 480 4.97 1.55 -23.87
CA ASP A 480 5.93 1.60 -25.00
C ASP A 480 7.28 1.52 -24.43
N VAL A 481 8.25 1.37 -25.32
CA VAL A 481 9.63 1.26 -24.97
C VAL A 481 10.17 2.65 -24.65
N PHE A 482 10.84 2.78 -23.53
CA PHE A 482 11.50 4.01 -23.17
C PHE A 482 12.65 4.30 -24.13
N ASN A 483 12.67 5.53 -24.61
CA ASN A 483 13.80 5.99 -25.44
C ASN A 483 14.41 7.20 -24.76
N SER A 484 15.63 7.05 -24.30
CA SER A 484 16.31 8.07 -23.49
C SER A 484 16.50 9.36 -24.23
N ASP A 485 16.54 9.33 -25.56
CA ASP A 485 16.61 10.58 -26.37
C ASP A 485 15.27 11.19 -26.69
N GLU A 486 14.17 10.43 -26.73
CA GLU A 486 12.87 11.01 -27.10
C GLU A 486 11.83 11.04 -25.97
N SER A 487 11.83 10.03 -25.10
CA SER A 487 10.73 9.92 -24.13
C SER A 487 10.69 11.09 -23.14
N PRO A 488 11.88 11.55 -22.66
CA PRO A 488 11.85 12.65 -21.69
C PRO A 488 11.14 13.91 -22.21
N ALA A 489 11.19 14.17 -23.50
CA ALA A 489 10.48 15.29 -24.08
C ALA A 489 8.98 15.21 -23.96
N LYS A 490 8.44 14.02 -23.77
CA LYS A 490 7.02 13.84 -23.59
C LYS A 490 6.58 13.77 -22.09
N PHE A 491 7.52 13.77 -21.15
CA PHE A 491 7.16 13.89 -19.72
C PHE A 491 6.28 15.08 -19.45
N ASN A 492 5.28 14.90 -18.59
CA ASN A 492 4.52 15.96 -18.08
C ASN A 492 5.07 16.39 -16.72
N LEU A 493 5.63 17.62 -16.70
CA LEU A 493 6.19 18.18 -15.47
C LEU A 493 5.30 19.18 -14.78
N VAL A 494 4.15 19.47 -15.36
CA VAL A 494 3.20 20.44 -14.92
C VAL A 494 2.00 19.79 -14.28
N ASN A 495 1.98 19.91 -12.95
CA ASN A 495 0.98 19.24 -12.12
C ASN A 495 0.53 17.84 -12.61
N PRO A 496 1.48 16.93 -12.83
CA PRO A 496 1.14 15.51 -13.18
C PRO A 496 0.52 14.78 -11.99
N PRO A 497 0.02 13.56 -12.21
CA PRO A 497 -0.49 12.88 -11.03
C PRO A 497 0.61 12.75 -9.92
N ARG A 498 0.18 12.70 -8.70
CA ARG A 498 1.10 12.67 -7.61
C ARG A 498 0.49 11.75 -6.56
N ARG A 499 1.26 10.73 -6.18
CA ARG A 499 0.83 9.68 -5.27
C ARG A 499 2.04 8.89 -4.83
N ASP A 500 1.81 7.71 -4.27
CA ASP A 500 2.93 6.86 -3.80
C ASP A 500 2.98 5.46 -4.28
N VAL A 501 1.93 5.04 -4.98
CA VAL A 501 1.96 3.71 -5.67
C VAL A 501 1.45 3.96 -7.08
N ALA A 502 2.21 3.54 -8.07
CA ALA A 502 1.78 3.64 -9.48
C ALA A 502 2.28 2.49 -10.31
N ALA A 503 1.47 2.08 -11.28
CA ALA A 503 1.75 0.98 -12.14
C ALA A 503 2.89 1.20 -13.07
N LEU A 504 3.88 0.27 -13.05
CA LEU A 504 4.76 0.08 -14.19
C LEU A 504 4.02 -0.73 -15.26
N PRO A 505 3.68 -0.08 -16.40
CA PRO A 505 2.84 -0.80 -17.39
C PRO A 505 3.58 -1.98 -17.92
N GLY A 506 2.89 -3.10 -18.09
CA GLY A 506 3.52 -4.25 -18.64
C GLY A 506 4.09 -3.92 -20.01
N ASN A 507 5.35 -4.28 -20.18
CA ASN A 507 6.13 -3.99 -21.41
C ASN A 507 6.38 -2.50 -21.66
N GLY A 508 6.07 -1.68 -20.68
CA GLY A 508 6.35 -0.24 -20.79
C GLY A 508 7.23 0.37 -19.75
N TYR A 509 6.98 1.64 -19.49
CA TYR A 509 7.83 2.32 -18.51
C TYR A 509 7.00 3.29 -17.68
N LEU A 510 7.55 3.51 -16.47
CA LEU A 510 7.03 4.44 -15.51
C LEU A 510 8.15 5.39 -15.14
N ALA A 511 7.88 6.66 -15.41
CA ALA A 511 8.84 7.71 -15.03
C ALA A 511 8.17 8.54 -13.92
N ILE A 512 8.80 8.47 -12.75
CA ILE A 512 8.30 9.15 -11.54
C ILE A 512 9.37 10.14 -11.06
N ALA A 513 8.92 11.33 -10.75
CA ALA A 513 9.83 12.37 -10.24
C ALA A 513 9.58 12.61 -8.76
N PHE A 514 10.64 12.91 -8.04
CA PHE A 514 10.49 13.32 -6.66
C PHE A 514 11.67 14.26 -6.33
N LYS A 515 11.45 15.05 -5.31
CA LYS A 515 12.39 16.08 -4.98
C LYS A 515 13.29 15.52 -3.92
N LEU A 516 14.53 15.98 -3.92
CA LEU A 516 15.48 15.56 -2.90
C LEU A 516 15.18 16.36 -1.65
N ASP A 517 14.18 15.94 -0.89
CA ASP A 517 13.68 16.70 0.25
C ASP A 517 13.55 15.83 1.53
N ASN A 518 14.11 14.66 1.52
CA ASN A 518 13.93 13.75 2.64
C ASN A 518 15.10 12.80 2.76
N PRO A 519 16.18 13.29 3.37
CA PRO A 519 17.34 12.38 3.55
C PRO A 519 16.96 11.03 4.15
N GLY A 520 17.43 9.94 3.58
CA GLY A 520 17.12 8.62 4.10
C GLY A 520 17.46 7.52 3.15
N SER A 521 16.99 6.34 3.49
CA SER A 521 17.15 5.18 2.66
C SER A 521 15.79 4.67 2.35
N TRP A 522 15.38 4.89 1.11
CA TRP A 522 14.01 4.69 0.73
C TRP A 522 13.83 3.57 -0.23
N LEU A 523 13.13 2.58 0.21
CA LEU A 523 12.81 1.46 -0.62
C LEU A 523 11.83 1.83 -1.76
N LEU A 524 12.06 1.24 -2.94
CA LEU A 524 11.10 1.27 -4.03
C LEU A 524 10.95 -0.16 -4.52
N HIS A 525 9.72 -0.59 -4.70
CA HIS A 525 9.45 -1.95 -5.00
C HIS A 525 8.11 -2.19 -5.56
N CYS A 526 7.99 -3.34 -6.22
CA CYS A 526 6.73 -3.86 -6.65
C CYS A 526 5.98 -4.31 -5.42
N HIS A 527 4.69 -4.02 -5.37
CA HIS A 527 3.87 -4.34 -4.17
C HIS A 527 3.14 -5.65 -4.34
N ILE A 528 3.31 -6.32 -5.48
CA ILE A 528 2.81 -7.68 -5.62
C ILE A 528 3.73 -8.48 -4.70
N ALA A 529 3.16 -9.07 -3.65
CA ALA A 529 4.01 -9.57 -2.57
C ALA A 529 5.04 -10.60 -3.06
N TRP A 530 4.61 -11.47 -3.97
CA TRP A 530 5.54 -12.47 -4.53
C TRP A 530 6.75 -11.80 -5.18
N HIS A 531 6.50 -10.74 -5.90
CA HIS A 531 7.53 -10.06 -6.68
C HIS A 531 8.44 -9.34 -5.76
N ALA A 532 7.93 -8.72 -4.71
CA ALA A 532 8.79 -8.12 -3.71
C ALA A 532 9.70 -9.14 -3.05
N SER A 533 9.11 -10.26 -2.70
CA SER A 533 9.88 -11.33 -2.06
C SER A 533 10.92 -11.91 -3.03
N GLU A 534 10.60 -11.88 -4.32
CA GLU A 534 11.45 -12.34 -5.42
C GLU A 534 12.43 -11.25 -5.83
N GLY A 535 12.55 -10.18 -5.05
CA GLY A 535 13.53 -9.16 -5.27
C GLY A 535 13.26 -7.99 -6.20
N MET A 536 11.99 -7.79 -6.59
CA MET A 536 11.65 -6.72 -7.49
C MET A 536 11.66 -5.39 -6.71
N ALA A 537 12.85 -4.93 -6.40
CA ALA A 537 12.98 -3.79 -5.58
C ALA A 537 14.34 -3.16 -5.73
N MET A 538 14.40 -1.91 -5.32
CA MET A 538 15.69 -1.21 -5.14
C MET A 538 15.51 -0.17 -4.05
N GLN A 539 16.56 0.62 -3.77
CA GLN A 539 16.44 1.66 -2.79
C GLN A 539 17.32 2.79 -3.13
N PHE A 540 16.82 3.97 -2.75
CA PHE A 540 17.52 5.21 -2.87
C PHE A 540 18.14 5.55 -1.56
N VAL A 541 19.42 5.80 -1.58
CA VAL A 541 20.08 6.36 -0.42
C VAL A 541 20.27 7.83 -0.77
N GLU A 542 19.40 8.65 -0.17
CA GLU A 542 19.22 10.04 -0.46
C GLU A 542 19.92 10.91 0.55
N SER A 543 20.84 11.72 0.07
CA SER A 543 21.49 12.71 0.92
C SER A 543 21.93 12.10 2.21
N GLN A 544 22.67 11.03 2.10
CA GLN A 544 23.03 10.27 3.27
C GLN A 544 23.57 11.11 4.43
N SER A 545 24.43 12.05 4.11
CA SER A 545 25.15 12.74 5.16
C SER A 545 24.24 13.78 5.81
N SER A 546 23.08 14.04 5.21
CA SER A 546 22.09 14.87 5.85
C SER A 546 21.07 14.17 6.73
N ILE A 547 21.16 12.86 6.91
CA ILE A 547 20.24 12.15 7.77
C ILE A 547 20.58 12.57 9.21
N ALA A 548 19.58 12.83 10.02
CA ALA A 548 19.78 13.18 11.43
C ALA A 548 18.89 12.28 12.22
N VAL A 549 19.40 11.72 13.30
CA VAL A 549 18.61 10.79 14.07
C VAL A 549 18.89 11.23 15.51
N LYS A 550 17.83 11.31 16.31
CA LYS A 550 17.96 11.64 17.73
C LYS A 550 18.76 10.52 18.41
N MET A 551 19.56 10.88 19.41
CA MET A 551 20.29 9.89 20.14
C MET A 551 19.34 8.85 20.70
N THR A 552 18.20 9.28 21.24
CA THR A 552 17.25 8.31 21.77
C THR A 552 16.82 7.29 20.68
N ASP A 553 16.55 7.75 19.49
CA ASP A 553 16.15 6.80 18.42
C ASP A 553 17.29 5.90 17.94
N THR A 554 18.51 6.43 17.99
CA THR A 554 19.71 5.62 17.68
C THR A 554 19.88 4.52 18.67
N ALA A 555 19.69 4.84 19.94
CA ALA A 555 19.76 3.82 21.01
C ALA A 555 18.68 2.75 20.84
N ILE A 556 17.46 3.19 20.52
CA ILE A 556 16.36 2.26 20.28
C ILE A 556 16.66 1.33 19.11
N PHE A 557 17.17 1.88 18.02
CA PHE A 557 17.50 1.15 16.83
C PHE A 557 18.53 0.07 17.17
N GLU A 558 19.56 0.52 17.88
CA GLU A 558 20.62 -0.42 18.35
C GLU A 558 20.02 -1.54 19.16
N ASP A 559 19.10 -1.18 20.08
CA ASP A 559 18.47 -2.21 20.89
C ASP A 559 17.71 -3.22 20.04
N THR A 560 16.89 -2.73 19.06
CA THR A 560 16.19 -3.61 18.21
C THR A 560 17.09 -4.60 17.52
N CYS A 561 18.17 -4.11 16.98
CA CYS A 561 19.09 -5.00 16.28
C CYS A 561 19.81 -5.96 17.30
N ALA A 562 20.17 -5.45 18.47
CA ALA A 562 20.79 -6.37 19.49
C ALA A 562 19.83 -7.52 19.81
N ASN A 563 18.55 -7.18 19.98
CA ASN A 563 17.56 -8.21 20.24
C ASN A 563 17.35 -9.13 19.09
N TRP A 564 17.40 -8.60 17.86
CA TRP A 564 17.25 -9.46 16.70
C TRP A 564 18.42 -10.51 16.60
N ASN A 565 19.58 -9.96 16.72
CA ASN A 565 20.80 -10.77 16.72
C ASN A 565 20.76 -11.83 17.83
N ALA A 566 20.16 -11.53 18.99
CA ALA A 566 19.93 -12.58 20.02
C ALA A 566 18.95 -13.63 19.60
N TYR A 567 18.05 -13.32 18.68
CA TYR A 567 17.06 -14.29 18.26
C TYR A 567 17.56 -15.16 17.14
N THR A 568 18.36 -14.61 16.23
CA THR A 568 18.64 -15.35 15.01
C THR A 568 19.47 -16.67 15.16
N PRO A 569 20.40 -16.70 16.11
CA PRO A 569 21.17 -17.96 16.22
C PRO A 569 20.29 -19.18 16.38
N THR A 570 19.09 -19.04 16.98
CA THR A 570 18.19 -20.19 17.20
C THR A 570 16.83 -20.03 16.59
N GLN A 571 16.68 -19.11 15.65
CA GLN A 571 15.43 -19.02 14.94
C GLN A 571 15.11 -20.37 14.29
N LEU A 572 13.84 -20.69 14.24
CA LEU A 572 13.34 -21.85 13.51
C LEU A 572 13.42 -21.66 12.00
N PHE A 573 13.35 -20.42 11.53
CA PHE A 573 13.22 -20.19 10.11
C PHE A 573 14.16 -19.08 9.71
N ALA A 574 14.92 -19.36 8.67
CA ALA A 574 15.90 -18.41 8.18
C ALA A 574 15.15 -17.47 7.15
N GLU A 575 15.69 -16.29 6.91
CA GLU A 575 15.26 -15.49 5.73
C GLU A 575 15.32 -16.38 4.50
N ASP A 576 14.26 -16.41 3.71
CA ASP A 576 14.15 -17.24 2.50
C ASP A 576 13.50 -16.44 1.37
N ASP A 577 13.68 -15.12 1.42
CA ASP A 577 13.34 -14.27 0.33
C ASP A 577 14.17 -13.02 0.38
N SER A 578 13.71 -11.98 -0.30
CA SER A 578 14.49 -10.79 -0.40
C SER A 578 14.67 -10.03 0.94
N GLY A 579 13.75 -10.26 1.87
CA GLY A 579 13.75 -9.56 3.15
C GLY A 579 12.61 -8.55 3.25
N ILE A 580 12.05 -8.10 2.13
CA ILE A 580 11.08 -6.98 2.26
C ILE A 580 9.74 -7.42 1.95
#